data_3FVO
#
_entry.id   3FVO
#
_cell.length_a   47.717
_cell.length_b   50.756
_cell.length_c   63.290
_cell.angle_alpha   94.19
_cell.angle_beta   95.90
_cell.angle_gamma   117.95
#
_symmetry.space_group_name_H-M   'P 1'
#
loop_
_entity.id
_entity.type
_entity.pdbx_description
1 polymer 'Glutamate receptor, ionotropic kainate 1'
2 non-polymer GLYCEROL
3 non-polymer '(2R,3aR,6R,7S,7aR)-2-[(2S)-2-amino-3-hydroxy-3-oxo-propyl]-6,7-dihydroxy-3,3a,5,6,7,7a-hexahydrofuro[4,5-b]pyran-2-carboxylic acid'
4 non-polymer 'SULFATE ION'
5 water water
#
_entity_poly.entity_id   1
_entity_poly.type   'polypeptide(L)'
_entity_poly.pdbx_seq_one_letter_code
;ANRTLIVTTILEEPYVMYRKSDKPLYGNDRFEGYCLDLLKELSNILGFIYDVKLVPDGKYGAQNDKGEWNGMVKELIDHR
ADLAVAPLTITYVREKVIDFSKPFMTLGISILYRKGTPIDSADDLAKQTKIEYGAVRDGSTMTFFKKSKISTYEKMWAFM
SSRQQTALVRNSDEGIQRVLTTDYALLMESTSIEYVTQRNCNLTQIGGLIDSKGYGVGTPIGSPYRDKITIAILQLQEEG
KLHMMKEKWWRGNGCP
;
_entity_poly.pdbx_strand_id   A,B
#
loop_
_chem_comp.id
_chem_comp.type
_chem_comp.name
_chem_comp.formula
8EP non-polymer '(2R,3aR,6R,7S,7aR)-2-[(2S)-2-amino-3-hydroxy-3-oxo-propyl]-6,7-dihydroxy-3,3a,5,6,7,7a-hexahydrofuro[4,5-b]pyran-2-carboxylic acid' 'C11 H17 N O8'
GOL non-polymer GLYCEROL 'C3 H8 O3'
SO4 non-polymer 'SULFATE ION' 'O4 S -2'
#
# COMPACT_ATOMS: atom_id res chain seq x y z
N ALA A 1 3.99 -15.43 31.86
CA ALA A 1 4.25 -15.28 30.40
C ALA A 1 3.09 -14.62 29.68
N ASN A 2 3.42 -13.87 28.62
CA ASN A 2 2.43 -13.25 27.76
C ASN A 2 1.39 -14.30 27.32
N ARG A 3 0.12 -13.92 27.31
CA ARG A 3 -0.96 -14.85 26.89
C ARG A 3 -0.71 -15.31 25.46
N THR A 4 -0.91 -16.59 25.21
CA THR A 4 -0.77 -17.13 23.85
C THR A 4 -1.87 -16.55 22.99
N LEU A 5 -1.47 -15.92 21.89
CA LEU A 5 -2.43 -15.27 21.03
C LEU A 5 -3.15 -16.28 20.14
N ILE A 6 -4.46 -16.06 19.97
CA ILE A 6 -5.24 -16.92 19.09
C ILE A 6 -5.28 -16.29 17.71
N VAL A 7 -4.84 -17.06 16.71
CA VAL A 7 -4.79 -16.57 15.33
C VAL A 7 -5.88 -17.27 14.54
N THR A 8 -6.81 -16.50 13.99
CA THR A 8 -7.76 -17.05 13.03
C THR A 8 -7.16 -16.97 11.64
N THR A 9 -7.34 -18.03 10.86
CA THR A 9 -6.85 -18.07 9.50
C THR A 9 -7.71 -18.99 8.67
N ILE A 10 -7.31 -19.20 7.43
CA ILE A 10 -8.11 -19.98 6.48
C ILE A 10 -7.13 -20.67 5.53
N LEU A 11 -7.50 -21.84 5.03
CA LEU A 11 -6.65 -22.54 4.07
C LEU A 11 -6.72 -21.81 2.73
N GLU A 12 -5.55 -21.40 2.24
CA GLU A 12 -5.45 -20.72 0.95
C GLU A 12 -4.01 -20.84 0.47
N GLU A 13 -3.77 -21.59 -0.61
CA GLU A 13 -2.42 -21.74 -1.11
C GLU A 13 -1.96 -20.41 -1.71
N PRO A 14 -0.67 -20.04 -1.55
CA PRO A 14 0.40 -20.64 -0.77
C PRO A 14 0.56 -19.95 0.60
N TYR A 15 -0.50 -19.32 1.06
CA TYR A 15 -0.51 -18.60 2.33
C TYR A 15 -0.58 -19.52 3.55
N VAL A 16 -1.53 -20.46 3.50
CA VAL A 16 -1.78 -21.38 4.61
C VAL A 16 -2.17 -22.70 3.99
N MET A 17 -1.33 -23.71 4.21
CA MET A 17 -1.51 -25.03 3.59
C MET A 17 -1.18 -26.11 4.58
N TYR A 18 -1.74 -27.30 4.38
CA TYR A 18 -1.31 -28.44 5.18
C TYR A 18 0.07 -28.89 4.76
N ARG A 19 0.98 -28.96 5.74
CA ARG A 19 2.29 -29.56 5.54
C ARG A 19 2.15 -31.06 5.27
N LYS A 20 2.95 -31.54 4.33
CA LYS A 20 2.99 -32.96 3.99
C LYS A 20 4.06 -33.64 4.83
N SER A 21 3.66 -34.67 5.57
CA SER A 21 4.59 -35.44 6.39
C SER A 21 4.16 -36.90 6.43
N ASP A 22 5.15 -37.77 6.58
CA ASP A 22 4.90 -39.20 6.78
C ASP A 22 4.74 -39.55 8.26
N LYS A 23 4.86 -38.53 9.11
CA LYS A 23 4.73 -38.68 10.56
CA LYS A 23 4.75 -38.66 10.56
C LYS A 23 3.70 -37.68 11.09
N PRO A 24 3.12 -37.96 12.29
CA PRO A 24 2.12 -37.03 12.82
C PRO A 24 2.61 -35.60 13.06
N LEU A 25 1.74 -34.65 12.76
CA LEU A 25 1.98 -33.23 13.03
C LEU A 25 0.83 -32.73 13.88
N TYR A 26 1.15 -31.89 14.86
CA TYR A 26 0.15 -31.36 15.76
C TYR A 26 0.23 -29.85 15.85
N GLY A 27 -0.89 -29.24 16.20
CA GLY A 27 -0.92 -27.80 16.43
C GLY A 27 -0.45 -27.04 15.20
N ASN A 28 0.35 -26.02 15.43
CA ASN A 28 0.79 -25.16 14.35
C ASN A 28 1.63 -25.88 13.32
N ASP A 29 2.27 -26.98 13.71
CA ASP A 29 3.12 -27.73 12.81
C ASP A 29 2.38 -28.35 11.63
N ARG A 30 1.05 -28.44 11.73
CA ARG A 30 0.24 -28.96 10.63
C ARG A 30 0.22 -27.99 9.44
N PHE A 31 0.62 -26.74 9.65
CA PHE A 31 0.47 -25.71 8.63
C PHE A 31 1.79 -25.13 8.16
N GLU A 32 1.80 -24.72 6.89
CA GLU A 32 2.94 -23.98 6.35
C GLU A 32 2.47 -22.99 5.31
N GLY A 33 3.33 -22.05 4.95
CA GLY A 33 3.02 -21.12 3.88
C GLY A 33 3.46 -19.71 4.22
N TYR A 34 3.21 -18.79 3.29
CA TYR A 34 3.60 -17.40 3.45
C TYR A 34 3.13 -16.81 4.78
N CYS A 35 1.87 -17.06 5.14
CA CYS A 35 1.31 -16.47 6.35
C CYS A 35 1.87 -17.13 7.61
N LEU A 36 2.30 -18.39 7.51
CA LEU A 36 2.96 -19.00 8.66
C LEU A 36 4.35 -18.42 8.84
N ASP A 37 5.07 -18.19 7.76
CA ASP A 37 6.35 -17.50 7.84
C ASP A 37 6.17 -16.08 8.37
N LEU A 38 5.12 -15.40 7.92
CA LEU A 38 4.82 -14.06 8.41
C LEU A 38 4.61 -14.06 9.93
N LEU A 39 3.83 -15.03 10.41
CA LEU A 39 3.62 -15.19 11.85
C LEU A 39 4.92 -15.44 12.62
N LYS A 40 5.82 -16.26 12.06
CA LYS A 40 7.08 -16.54 12.74
C LYS A 40 7.88 -15.26 12.90
N GLU A 41 7.88 -14.43 11.86
CA GLU A 41 8.58 -13.15 11.89
C GLU A 41 7.93 -12.15 12.84
N LEU A 42 6.61 -12.00 12.74
CA LEU A 42 5.89 -11.04 13.57
C LEU A 42 6.01 -11.38 15.04
N SER A 43 5.86 -12.66 15.36
CA SER A 43 5.94 -13.11 16.75
C SER A 43 7.31 -12.90 17.34
N ASN A 44 8.36 -13.08 16.54
CA ASN A 44 9.73 -12.79 17.01
C ASN A 44 9.88 -11.32 17.38
N ILE A 45 9.30 -10.45 16.55
CA ILE A 45 9.43 -9.01 16.76
C ILE A 45 8.61 -8.52 17.95
N LEU A 46 7.42 -9.10 18.13
CA LEU A 46 6.48 -8.65 19.15
C LEU A 46 6.59 -9.40 20.47
N GLY A 47 7.20 -10.58 20.45
CA GLY A 47 7.43 -11.32 21.70
C GLY A 47 6.29 -12.20 22.16
N PHE A 48 5.65 -12.92 21.23
CA PHE A 48 4.56 -13.82 21.60
C PHE A 48 4.67 -15.19 20.93
N ILE A 49 4.01 -16.17 21.53
CA ILE A 49 3.66 -17.41 20.82
C ILE A 49 2.15 -17.38 20.52
N TYR A 50 1.72 -18.27 19.65
CA TYR A 50 0.37 -18.21 19.10
C TYR A 50 -0.19 -19.59 18.80
N ASP A 51 -1.51 -19.63 18.65
CA ASP A 51 -2.25 -20.85 18.36
C ASP A 51 -3.09 -20.63 17.09
C ASP A 51 -3.02 -20.56 17.07
N VAL A 52 -2.73 -21.32 16.01
CA VAL A 52 -3.40 -21.15 14.73
C VAL A 52 -4.68 -21.97 14.68
N LYS A 53 -5.80 -21.27 14.48
CA LYS A 53 -7.11 -21.92 14.41
CA LYS A 53 -7.11 -21.92 14.41
C LYS A 53 -7.81 -21.58 13.11
N LEU A 54 -8.11 -22.60 12.32
CA LEU A 54 -8.86 -22.37 11.08
C LEU A 54 -10.26 -21.89 11.39
N VAL A 55 -10.70 -20.85 10.65
CA VAL A 55 -11.98 -20.23 10.91
C VAL A 55 -13.12 -21.27 10.75
N PRO A 56 -13.95 -21.45 11.81
CA PRO A 56 -14.93 -22.54 11.74
C PRO A 56 -15.83 -22.58 10.52
N ASP A 57 -16.33 -21.43 10.06
CA ASP A 57 -17.26 -21.41 8.94
C ASP A 57 -16.58 -21.40 7.57
N GLY A 58 -15.24 -21.42 7.56
CA GLY A 58 -14.50 -21.46 6.30
C GLY A 58 -14.64 -20.24 5.40
N LYS A 59 -14.99 -19.09 6.00
CA LYS A 59 -15.20 -17.87 5.25
C LYS A 59 -14.23 -16.75 5.61
N TYR A 60 -13.98 -15.87 4.66
CA TYR A 60 -13.18 -14.68 4.92
C TYR A 60 -13.98 -13.64 5.72
N GLY A 61 -15.16 -13.29 5.21
CA GLY A 61 -16.09 -12.43 5.95
C GLY A 61 -16.84 -11.42 5.12
N ALA A 62 -18.16 -11.47 5.22
CA ALA A 62 -19.03 -10.49 4.61
C ALA A 62 -20.21 -10.26 5.54
N GLN A 63 -20.92 -9.15 5.33
CA GLN A 63 -22.07 -8.82 6.16
C GLN A 63 -23.37 -9.04 5.40
N ASN A 64 -24.35 -9.63 6.09
CA ASN A 64 -25.66 -9.87 5.50
C ASN A 64 -26.56 -8.63 5.55
N ASP A 65 -27.83 -8.81 5.17
CA ASP A 65 -28.80 -7.72 5.16
C ASP A 65 -28.95 -7.09 6.54
N LYS A 66 -28.96 -7.92 7.58
CA LYS A 66 -29.07 -7.46 8.97
C LYS A 66 -27.80 -6.77 9.49
N GLY A 67 -26.73 -6.79 8.68
CA GLY A 67 -25.45 -6.19 9.07
C GLY A 67 -24.59 -7.12 9.94
N GLU A 68 -24.94 -8.39 9.94
CA GLU A 68 -24.22 -9.40 10.72
C GLU A 68 -23.07 -9.93 9.88
N TRP A 69 -21.88 -10.02 10.49
CA TRP A 69 -20.69 -10.54 9.82
C TRP A 69 -20.50 -12.03 10.03
N ASN A 70 -19.70 -12.63 9.15
CA ASN A 70 -19.30 -14.02 9.30
C ASN A 70 -17.79 -14.13 9.10
N GLY A 71 -17.29 -15.36 9.03
CA GLY A 71 -15.88 -15.62 8.76
C GLY A 71 -14.88 -15.06 9.76
N MET A 72 -13.67 -14.80 9.26
CA MET A 72 -12.59 -14.28 10.11
C MET A 72 -12.92 -12.91 10.67
N VAL A 73 -13.65 -12.11 9.90
CA VAL A 73 -14.04 -10.78 10.39
C VAL A 73 -14.90 -10.92 11.65
N LYS A 74 -15.89 -11.83 11.61
CA LYS A 74 -16.73 -12.08 12.79
C LYS A 74 -15.89 -12.58 13.99
N GLU A 75 -14.93 -13.47 13.73
CA GLU A 75 -14.06 -13.95 14.81
C GLU A 75 -13.37 -12.81 15.53
N LEU A 76 -12.95 -11.78 14.79
CA LEU A 76 -12.32 -10.61 15.39
C LEU A 76 -13.33 -9.73 16.10
N ILE A 77 -14.46 -9.44 15.44
CA ILE A 77 -15.49 -8.60 16.05
C ILE A 77 -15.90 -9.18 17.41
N ASP A 78 -16.05 -10.50 17.46
CA ASP A 78 -16.52 -11.20 18.65
C ASP A 78 -15.39 -11.56 19.60
N HIS A 79 -14.18 -11.06 19.35
CA HIS A 79 -13.03 -11.34 20.21
C HIS A 79 -12.85 -12.84 20.47
N ARG A 80 -13.02 -13.64 19.43
CA ARG A 80 -12.73 -15.06 19.46
C ARG A 80 -11.27 -15.29 19.10
N ALA A 81 -10.66 -14.31 18.43
CA ALA A 81 -9.26 -14.38 18.03
C ALA A 81 -8.61 -13.04 18.29
N ASP A 82 -7.31 -13.07 18.53
CA ASP A 82 -6.51 -11.87 18.73
C ASP A 82 -6.08 -11.27 17.41
N LEU A 83 -5.76 -12.12 16.43
CA LEU A 83 -5.29 -11.66 15.12
C LEU A 83 -5.84 -12.55 14.04
N ALA A 84 -6.06 -11.99 12.86
CA ALA A 84 -6.33 -12.75 11.64
C ALA A 84 -5.14 -12.60 10.72
N VAL A 85 -4.46 -13.71 10.42
CA VAL A 85 -3.28 -13.66 9.54
C VAL A 85 -3.58 -14.58 8.38
N ALA A 86 -3.86 -13.96 7.25
CA ALA A 86 -4.41 -14.62 6.08
C ALA A 86 -4.29 -13.62 4.94
N PRO A 87 -4.57 -14.06 3.69
CA PRO A 87 -4.71 -13.08 2.61
C PRO A 87 -6.05 -12.32 2.76
N LEU A 88 -6.07 -11.45 3.76
CA LEU A 88 -7.28 -10.74 4.20
C LEU A 88 -7.26 -9.31 3.65
N THR A 89 -8.18 -9.03 2.74
CA THR A 89 -8.20 -7.77 2.02
C THR A 89 -8.68 -6.61 2.90
N ILE A 90 -7.89 -5.54 2.87
CA ILE A 90 -8.21 -4.30 3.59
C ILE A 90 -9.24 -3.51 2.79
N THR A 91 -10.44 -3.37 3.36
CA THR A 91 -11.53 -2.69 2.68
C THR A 91 -12.19 -1.70 3.62
N TYR A 92 -12.83 -0.71 3.03
CA TYR A 92 -13.56 0.32 3.76
C TYR A 92 -14.59 -0.30 4.71
N VAL A 93 -15.41 -1.22 4.18
CA VAL A 93 -16.48 -1.79 5.02
C VAL A 93 -15.92 -2.57 6.22
N ARG A 94 -14.82 -3.28 6.01
CA ARG A 94 -14.20 -4.03 7.09
C ARG A 94 -13.46 -3.12 8.08
N GLU A 95 -12.80 -2.09 7.56
CA GLU A 95 -12.03 -1.20 8.42
C GLU A 95 -12.90 -0.48 9.45
N LYS A 96 -14.20 -0.34 9.14
CA LYS A 96 -15.15 0.28 10.08
C LYS A 96 -15.45 -0.61 11.28
N VAL A 97 -15.19 -1.93 11.15
CA VAL A 97 -15.58 -2.88 12.19
C VAL A 97 -14.43 -3.64 12.85
N ILE A 98 -13.25 -3.65 12.20
CA ILE A 98 -12.02 -4.23 12.80
C ILE A 98 -10.88 -3.25 12.58
N ASP A 99 -9.73 -3.51 13.22
CA ASP A 99 -8.53 -2.71 13.01
C ASP A 99 -7.53 -3.48 12.17
N PHE A 100 -7.26 -3.02 10.95
CA PHE A 100 -6.22 -3.65 10.11
C PHE A 100 -4.83 -3.06 10.37
N SER A 101 -3.81 -3.90 10.27
CA SER A 101 -2.46 -3.41 10.10
C SER A 101 -2.28 -2.73 8.75
N LYS A 102 -1.16 -2.05 8.59
CA LYS A 102 -0.76 -1.63 7.25
C LYS A 102 -0.52 -2.85 6.35
N PRO A 103 -0.62 -2.65 5.03
CA PRO A 103 -0.59 -3.78 4.11
C PRO A 103 0.77 -4.47 4.01
N PHE A 104 0.74 -5.78 3.88
CA PHE A 104 1.94 -6.57 3.61
C PHE A 104 2.08 -7.05 2.17
N MET A 105 1.05 -6.80 1.34
CA MET A 105 1.02 -7.21 -0.06
C MET A 105 -0.07 -6.41 -0.74
N THR A 106 0.13 -6.11 -2.03
CA THR A 106 -0.92 -5.45 -2.81
C THR A 106 -1.30 -6.33 -3.99
N LEU A 107 -2.51 -6.12 -4.48
CA LEU A 107 -3.12 -6.95 -5.51
C LEU A 107 -4.35 -6.25 -6.03
N GLY A 108 -4.97 -6.84 -7.05
CA GLY A 108 -6.26 -6.35 -7.53
C GLY A 108 -7.07 -7.50 -8.09
N ILE A 109 -8.38 -7.31 -8.16
CA ILE A 109 -9.26 -8.33 -8.74
C ILE A 109 -8.99 -8.42 -10.24
N SER A 110 -8.95 -9.66 -10.73
CA SER A 110 -8.92 -9.90 -12.17
C SER A 110 -9.72 -11.17 -12.46
N ILE A 111 -9.60 -11.70 -13.68
CA ILE A 111 -10.42 -12.84 -14.13
C ILE A 111 -9.52 -14.04 -14.43
N LEU A 112 -9.90 -15.21 -13.92
CA LEU A 112 -9.23 -16.47 -14.20
C LEU A 112 -10.14 -17.27 -15.10
N TYR A 113 -9.61 -17.73 -16.24
CA TYR A 113 -10.36 -18.64 -17.10
C TYR A 113 -9.41 -19.59 -17.83
N ARG A 114 -9.97 -20.46 -18.65
CA ARG A 114 -9.17 -21.28 -19.55
C ARG A 114 -8.77 -20.46 -20.77
N LYS A 115 -7.89 -21.03 -21.58
CA LYS A 115 -7.39 -20.35 -22.76
C LYS A 115 -8.31 -20.55 -23.94
N GLY A 116 -8.15 -19.70 -24.96
CA GLY A 116 -8.81 -19.94 -26.25
C GLY A 116 -10.04 -19.13 -26.60
N THR A 117 -10.49 -18.26 -25.69
CA THR A 117 -11.68 -17.43 -25.94
C THR A 117 -11.29 -16.02 -26.37
N PRO A 118 -12.23 -15.29 -26.99
CA PRO A 118 -11.96 -13.90 -27.35
C PRO A 118 -12.24 -12.92 -26.21
N ILE A 119 -12.59 -13.43 -25.03
CA ILE A 119 -12.89 -12.56 -23.89
C ILE A 119 -11.60 -11.91 -23.39
N ASP A 120 -11.61 -10.58 -23.32
CA ASP A 120 -10.38 -9.84 -23.05
C ASP A 120 -10.51 -8.85 -21.90
N SER A 121 -11.68 -8.78 -21.28
CA SER A 121 -11.96 -7.80 -20.25
C SER A 121 -13.24 -8.18 -19.51
N ALA A 122 -13.46 -7.53 -18.37
CA ALA A 122 -14.71 -7.69 -17.64
C ALA A 122 -15.91 -7.25 -18.50
N ASP A 123 -15.75 -6.15 -19.27
CA ASP A 123 -16.81 -5.72 -20.20
C ASP A 123 -17.20 -6.87 -21.14
N ASP A 124 -16.20 -7.52 -21.74
CA ASP A 124 -16.46 -8.64 -22.65
C ASP A 124 -17.16 -9.76 -21.91
N LEU A 125 -16.67 -10.07 -20.70
CA LEU A 125 -17.22 -11.16 -19.90
C LEU A 125 -18.68 -10.91 -19.53
N ALA A 126 -19.00 -9.69 -19.14
CA ALA A 126 -20.37 -9.37 -18.74
C ALA A 126 -21.31 -9.36 -19.93
N LYS A 127 -20.80 -9.03 -21.10
CA LYS A 127 -21.63 -8.89 -22.29
C LYS A 127 -22.03 -10.23 -22.90
N GLN A 128 -21.07 -11.14 -22.99
CA GLN A 128 -21.29 -12.44 -23.62
C GLN A 128 -22.17 -13.30 -22.72
N THR A 129 -22.76 -14.33 -23.33
CA THR A 129 -23.72 -15.20 -22.66
C THR A 129 -23.36 -16.68 -22.75
N LYS A 130 -22.14 -16.98 -23.15
CA LYS A 130 -21.71 -18.37 -23.34
C LYS A 130 -21.10 -18.94 -22.06
N ILE A 131 -20.32 -18.12 -21.36
CA ILE A 131 -19.71 -18.59 -20.14
C ILE A 131 -20.25 -17.85 -18.91
N GLU A 132 -20.39 -18.61 -17.83
CA GLU A 132 -20.87 -18.13 -16.54
C GLU A 132 -19.66 -17.56 -15.80
N TYR A 133 -19.90 -16.88 -14.68
CA TYR A 133 -18.80 -16.37 -13.87
C TYR A 133 -19.28 -16.11 -12.45
N GLY A 134 -18.33 -16.02 -11.53
CA GLY A 134 -18.66 -15.79 -10.14
C GLY A 134 -17.43 -15.49 -9.33
N ALA A 135 -17.58 -15.62 -8.02
CA ALA A 135 -16.52 -15.36 -7.06
C ALA A 135 -16.70 -16.29 -5.87
N VAL A 136 -15.70 -16.35 -5.00
CA VAL A 136 -15.85 -17.06 -3.74
C VAL A 136 -16.90 -16.35 -2.86
N ARG A 137 -17.82 -17.12 -2.29
CA ARG A 137 -18.88 -16.54 -1.46
C ARG A 137 -18.30 -15.92 -0.20
N ASP A 138 -18.77 -14.72 0.11
CA ASP A 138 -18.50 -14.03 1.37
C ASP A 138 -17.05 -13.61 1.57
N GLY A 139 -16.39 -13.29 0.46
CA GLY A 139 -15.09 -12.62 0.49
C GLY A 139 -15.22 -11.23 -0.09
N SER A 140 -14.08 -10.54 -0.14
CA SER A 140 -14.03 -9.17 -0.62
C SER A 140 -14.30 -9.01 -2.10
N THR A 141 -14.00 -10.04 -2.89
CA THR A 141 -14.30 -9.96 -4.31
C THR A 141 -15.81 -9.94 -4.53
N MET A 142 -16.53 -10.86 -3.89
CA MET A 142 -18.00 -10.83 -3.93
C MET A 142 -18.51 -9.44 -3.50
N THR A 143 -17.97 -8.95 -2.39
CA THR A 143 -18.42 -7.65 -1.86
C THR A 143 -18.13 -6.49 -2.80
N PHE A 144 -16.99 -6.57 -3.50
CA PHE A 144 -16.66 -5.54 -4.50
C PHE A 144 -17.79 -5.42 -5.52
N PHE A 145 -18.25 -6.56 -6.03
CA PHE A 145 -19.34 -6.52 -6.99
C PHE A 145 -20.66 -6.10 -6.38
N LYS A 146 -20.95 -6.60 -5.17
CA LYS A 146 -22.19 -6.26 -4.46
C LYS A 146 -22.32 -4.75 -4.24
N LYS A 147 -21.19 -4.09 -4.01
CA LYS A 147 -21.16 -2.67 -3.64
C LYS A 147 -20.91 -1.72 -4.81
N SER A 148 -20.54 -2.25 -5.97
CA SER A 148 -20.14 -1.40 -7.09
C SER A 148 -21.27 -0.52 -7.63
N LYS A 149 -20.88 0.68 -8.05
CA LYS A 149 -21.79 1.60 -8.75
CA LYS A 149 -21.78 1.61 -8.73
C LYS A 149 -21.37 1.76 -10.21
N ILE A 150 -20.44 0.93 -10.65
CA ILE A 150 -19.98 0.91 -12.04
C ILE A 150 -20.88 -0.04 -12.81
N SER A 151 -21.47 0.44 -13.90
CA SER A 151 -22.50 -0.31 -14.63
C SER A 151 -22.14 -1.76 -14.95
N THR A 152 -20.97 -1.98 -15.55
CA THR A 152 -20.53 -3.34 -15.91
C THR A 152 -20.56 -4.23 -14.66
N TYR A 153 -20.04 -3.69 -13.56
CA TYR A 153 -19.92 -4.48 -12.33
C TYR A 153 -21.26 -4.66 -11.61
N GLU A 154 -22.16 -3.68 -11.70
CA GLU A 154 -23.54 -3.83 -11.23
C GLU A 154 -24.26 -4.98 -11.95
N LYS A 155 -24.08 -5.06 -13.27
CA LYS A 155 -24.66 -6.14 -14.06
C LYS A 155 -24.05 -7.47 -13.61
N MET A 156 -22.72 -7.49 -13.49
CA MET A 156 -22.03 -8.70 -13.04
C MET A 156 -22.53 -9.16 -11.68
N TRP A 157 -22.74 -8.22 -10.75
CA TRP A 157 -23.32 -8.59 -9.46
C TRP A 157 -24.73 -9.16 -9.60
N ALA A 158 -25.59 -8.48 -10.36
CA ALA A 158 -26.93 -8.99 -10.59
C ALA A 158 -26.90 -10.42 -11.13
N PHE A 159 -26.01 -10.67 -12.08
CA PHE A 159 -25.85 -12.01 -12.62
C PHE A 159 -25.41 -13.03 -11.56
N MET A 160 -24.35 -12.69 -10.83
CA MET A 160 -23.83 -13.56 -9.76
C MET A 160 -24.89 -13.84 -8.72
N SER A 161 -25.62 -12.81 -8.32
CA SER A 161 -26.66 -12.92 -7.30
C SER A 161 -27.84 -13.78 -7.76
N SER A 162 -28.18 -13.67 -9.05
CA SER A 162 -29.31 -14.40 -9.63
C SER A 162 -29.02 -15.89 -9.65
N ARG A 163 -27.74 -16.22 -9.90
CA ARG A 163 -27.28 -17.59 -9.99
C ARG A 163 -26.39 -17.92 -8.79
N GLN A 164 -26.62 -17.25 -7.67
CA GLN A 164 -25.75 -17.36 -6.48
C GLN A 164 -25.51 -18.80 -6.03
N GLN A 165 -26.58 -19.58 -6.05
CA GLN A 165 -26.60 -20.96 -5.60
C GLN A 165 -25.48 -21.72 -6.30
N THR A 166 -25.19 -21.27 -7.52
CA THR A 166 -24.22 -21.88 -8.41
C THR A 166 -23.00 -20.99 -8.62
N ALA A 167 -23.21 -19.71 -8.95
CA ALA A 167 -22.12 -18.82 -9.35
C ALA A 167 -21.15 -18.48 -8.22
N LEU A 168 -21.64 -18.46 -6.98
CA LEU A 168 -20.78 -18.16 -5.83
C LEU A 168 -20.29 -19.43 -5.15
N VAL A 169 -18.99 -19.66 -5.26
CA VAL A 169 -18.38 -20.92 -4.87
C VAL A 169 -17.89 -20.88 -3.42
N ARG A 170 -17.72 -22.05 -2.81
CA ARG A 170 -17.39 -22.15 -1.39
C ARG A 170 -15.98 -21.66 -1.07
N ASN A 171 -15.06 -21.95 -1.98
CA ASN A 171 -13.64 -21.62 -1.81
C ASN A 171 -12.97 -21.58 -3.17
N SER A 172 -11.71 -21.14 -3.19
CA SER A 172 -10.99 -20.98 -4.45
C SER A 172 -10.77 -22.32 -5.19
N ASP A 173 -10.56 -23.41 -4.45
CA ASP A 173 -10.39 -24.72 -5.09
C ASP A 173 -11.62 -25.19 -5.86
N GLU A 174 -12.80 -24.99 -5.28
CA GLU A 174 -14.05 -25.27 -5.97
C GLU A 174 -14.17 -24.36 -7.19
N GLY A 175 -13.75 -23.11 -7.03
CA GLY A 175 -13.80 -22.16 -8.14
C GLY A 175 -12.92 -22.62 -9.29
N ILE A 176 -11.69 -23.01 -8.98
CA ILE A 176 -10.76 -23.46 -10.00
C ILE A 176 -11.23 -24.76 -10.68
N GLN A 177 -11.76 -25.69 -9.89
CA GLN A 177 -12.35 -26.90 -10.46
C GLN A 177 -13.47 -26.56 -11.46
N ARG A 178 -14.29 -25.58 -11.09
CA ARG A 178 -15.38 -25.13 -11.96
C ARG A 178 -14.86 -24.52 -13.26
N VAL A 179 -13.80 -23.71 -13.16
CA VAL A 179 -13.14 -23.14 -14.33
C VAL A 179 -12.61 -24.24 -15.26
N LEU A 180 -12.01 -25.26 -14.66
CA LEU A 180 -11.39 -26.35 -15.42
C LEU A 180 -12.39 -27.29 -16.09
N THR A 181 -13.55 -27.48 -15.47
CA THR A 181 -14.49 -28.53 -15.89
C THR A 181 -15.80 -28.04 -16.51
N THR A 182 -16.09 -26.74 -16.37
CA THR A 182 -17.31 -26.15 -16.94
C THR A 182 -16.98 -24.78 -17.54
N ASP A 183 -17.93 -24.19 -18.23
CA ASP A 183 -17.74 -22.88 -18.86
C ASP A 183 -18.04 -21.79 -17.84
N TYR A 184 -17.05 -21.57 -16.97
CA TYR A 184 -17.17 -20.67 -15.83
C TYR A 184 -15.84 -19.96 -15.63
N ALA A 185 -15.89 -18.64 -15.50
CA ALA A 185 -14.71 -17.82 -15.14
C ALA A 185 -14.79 -17.38 -13.69
N LEU A 186 -13.64 -17.33 -13.02
CA LEU A 186 -13.60 -16.97 -11.60
C LEU A 186 -12.98 -15.60 -11.41
N LEU A 187 -13.69 -14.72 -10.72
CA LEU A 187 -13.13 -13.43 -10.33
C LEU A 187 -12.27 -13.67 -9.10
N MET A 188 -11.01 -13.27 -9.18
CA MET A 188 -9.96 -13.75 -8.27
C MET A 188 -8.91 -12.64 -8.10
N GLU A 189 -8.30 -12.56 -6.92
CA GLU A 189 -7.22 -11.62 -6.72
C GLU A 189 -5.95 -11.99 -7.50
N SER A 190 -5.29 -10.96 -8.04
CA SER A 190 -4.22 -11.14 -9.02
C SER A 190 -3.02 -11.95 -8.55
N THR A 191 -2.65 -11.81 -7.28
CA THR A 191 -1.53 -12.59 -6.72
C THR A 191 -1.87 -14.08 -6.69
N SER A 192 -3.14 -14.42 -6.52
CA SER A 192 -3.58 -15.81 -6.62
C SER A 192 -3.63 -16.29 -8.08
N ILE A 193 -4.04 -15.42 -8.98
CA ILE A 193 -4.01 -15.77 -10.42
C ILE A 193 -2.57 -16.04 -10.84
N GLU A 194 -1.64 -15.20 -10.37
CA GLU A 194 -0.21 -15.34 -10.64
CA GLU A 194 -0.24 -15.37 -10.71
C GLU A 194 0.26 -16.73 -10.21
N TYR A 195 -0.12 -17.11 -9.00
CA TYR A 195 0.27 -18.40 -8.45
C TYR A 195 -0.25 -19.56 -9.30
N VAL A 196 -1.55 -19.56 -9.59
CA VAL A 196 -2.16 -20.72 -10.26
C VAL A 196 -1.74 -20.83 -11.73
N THR A 197 -1.56 -19.69 -12.39
CA THR A 197 -1.25 -19.73 -13.84
C THR A 197 0.21 -20.08 -14.11
N GLN A 198 1.07 -20.03 -13.10
CA GLN A 198 2.43 -20.52 -13.30
C GLN A 198 2.57 -22.00 -12.96
N ARG A 199 1.45 -22.61 -12.56
CA ARG A 199 1.41 -24.03 -12.18
C ARG A 199 0.57 -24.87 -13.12
N ASN A 200 -0.62 -24.38 -13.44
CA ASN A 200 -1.51 -25.04 -14.39
C ASN A 200 -1.55 -24.25 -15.68
N CYS A 201 -0.92 -24.78 -16.73
CA CYS A 201 -0.77 -24.04 -17.97
C CYS A 201 -2.04 -24.00 -18.82
N ASN A 202 -3.11 -24.63 -18.35
CA ASN A 202 -4.41 -24.51 -19.01
C ASN A 202 -5.17 -23.26 -18.59
N LEU A 203 -4.66 -22.58 -17.56
CA LEU A 203 -5.34 -21.43 -16.97
C LEU A 203 -4.65 -20.14 -17.38
N THR A 204 -5.42 -19.07 -17.46
CA THR A 204 -4.88 -17.77 -17.82
C THR A 204 -5.64 -16.63 -17.15
N GLN A 205 -4.96 -15.52 -16.96
CA GLN A 205 -5.64 -14.28 -16.56
C GLN A 205 -6.32 -13.65 -17.80
N ILE A 206 -7.52 -13.11 -17.60
CA ILE A 206 -8.23 -12.36 -18.64
C ILE A 206 -8.31 -10.88 -18.23
N GLY A 207 -7.80 -10.01 -19.10
CA GLY A 207 -7.78 -8.58 -18.82
C GLY A 207 -6.78 -8.20 -17.75
N GLY A 208 -6.87 -6.97 -17.29
CA GLY A 208 -5.96 -6.43 -16.29
C GLY A 208 -6.60 -6.43 -14.93
N LEU A 209 -6.11 -5.57 -14.05
CA LEU A 209 -6.63 -5.45 -12.71
C LEU A 209 -7.78 -4.44 -12.71
N ILE A 210 -8.87 -4.82 -12.03
CA ILE A 210 -10.00 -3.91 -12.02
CA ILE A 210 -10.11 -4.07 -11.91
C ILE A 210 -10.05 -3.02 -10.77
N ASP A 211 -9.18 -3.30 -9.81
CA ASP A 211 -8.99 -2.40 -8.67
C ASP A 211 -7.58 -2.59 -8.11
N SER A 212 -7.28 -1.93 -7.01
CA SER A 212 -6.00 -2.07 -6.35
C SER A 212 -6.20 -1.89 -4.86
N LYS A 213 -5.64 -2.80 -4.09
CA LYS A 213 -5.84 -2.79 -2.63
C LYS A 213 -4.76 -3.65 -1.98
N GLY A 214 -4.83 -3.77 -0.65
CA GLY A 214 -3.82 -4.54 0.07
C GLY A 214 -4.37 -5.60 0.99
N TYR A 215 -3.50 -6.54 1.37
CA TYR A 215 -3.76 -7.47 2.46
C TYR A 215 -3.17 -6.93 3.75
N GLY A 216 -3.87 -7.11 4.87
CA GLY A 216 -3.37 -6.67 6.17
C GLY A 216 -3.70 -7.70 7.22
N VAL A 217 -3.01 -7.63 8.34
CA VAL A 217 -3.34 -8.43 9.51
C VAL A 217 -4.54 -7.79 10.21
N GLY A 218 -5.57 -8.57 10.51
CA GLY A 218 -6.74 -8.03 11.19
C GLY A 218 -6.65 -8.20 12.69
N THR A 219 -7.15 -7.20 13.43
CA THR A 219 -7.28 -7.32 14.88
C THR A 219 -8.64 -6.72 15.27
N PRO A 220 -9.15 -7.08 16.46
CA PRO A 220 -10.39 -6.42 16.89
C PRO A 220 -10.15 -4.94 17.11
N ILE A 221 -11.18 -4.12 16.90
CA ILE A 221 -11.10 -2.68 17.14
C ILE A 221 -10.59 -2.44 18.54
N GLY A 222 -9.62 -1.53 18.67
CA GLY A 222 -9.04 -1.21 19.95
C GLY A 222 -7.93 -2.15 20.38
N SER A 223 -7.58 -3.10 19.52
CA SER A 223 -6.53 -4.05 19.87
C SER A 223 -5.23 -3.35 20.22
N PRO A 224 -4.60 -3.75 21.34
CA PRO A 224 -3.29 -3.25 21.75
C PRO A 224 -2.15 -3.81 20.89
N TYR A 225 -2.47 -4.72 19.97
CA TYR A 225 -1.45 -5.30 19.09
C TYR A 225 -1.36 -4.69 17.71
N ARG A 226 -2.43 -4.06 17.22
CA ARG A 226 -2.46 -3.60 15.82
C ARG A 226 -1.29 -2.67 15.48
N ASP A 227 -1.05 -1.67 16.33
CA ASP A 227 0.02 -0.70 16.04
C ASP A 227 1.40 -1.36 16.07
N LYS A 228 1.61 -2.28 17.01
CA LYS A 228 2.87 -3.05 17.05
C LYS A 228 3.00 -3.94 15.83
N ILE A 229 1.90 -4.55 15.39
CA ILE A 229 1.92 -5.35 14.17
C ILE A 229 2.23 -4.49 12.93
N THR A 230 1.63 -3.30 12.85
CA THR A 230 1.95 -2.38 11.76
C THR A 230 3.43 -2.02 11.72
N ILE A 231 3.99 -1.73 12.89
CA ILE A 231 5.40 -1.36 12.98
C ILE A 231 6.28 -2.55 12.51
N ALA A 232 5.92 -3.76 12.94
CA ALA A 232 6.65 -4.96 12.53
C ALA A 232 6.56 -5.21 11.02
N ILE A 233 5.37 -4.99 10.45
CA ILE A 233 5.20 -5.14 9.01
C ILE A 233 6.08 -4.15 8.25
N LEU A 234 6.13 -2.91 8.71
CA LEU A 234 6.98 -1.91 8.06
C LEU A 234 8.45 -2.30 8.15
N GLN A 235 8.86 -2.87 9.29
CA GLN A 235 10.22 -3.38 9.43
C GLN A 235 10.50 -4.47 8.39
N LEU A 236 9.60 -5.45 8.30
CA LEU A 236 9.78 -6.54 7.34
C LEU A 236 9.78 -6.06 5.90
N GLN A 237 8.94 -5.06 5.62
CA GLN A 237 8.86 -4.44 4.31
C GLN A 237 10.22 -3.82 3.96
N GLU A 238 10.69 -2.95 4.85
CA GLU A 238 11.91 -2.19 4.57
C GLU A 238 13.15 -3.07 4.50
N GLU A 239 13.16 -4.15 5.28
CA GLU A 239 14.30 -5.08 5.32
C GLU A 239 14.29 -6.05 4.13
N GLY A 240 13.26 -5.98 3.30
CA GLY A 240 13.17 -6.85 2.13
C GLY A 240 12.63 -8.23 2.43
N LYS A 241 12.21 -8.46 3.67
CA LYS A 241 11.76 -9.80 4.08
C LYS A 241 10.44 -10.21 3.46
N LEU A 242 9.51 -9.28 3.31
CA LEU A 242 8.23 -9.61 2.68
C LEU A 242 8.45 -10.02 1.23
N HIS A 243 9.32 -9.30 0.54
CA HIS A 243 9.66 -9.64 -0.83
C HIS A 243 10.28 -11.03 -0.92
N MET A 244 11.22 -11.32 -0.03
CA MET A 244 11.83 -12.66 0.04
C MET A 244 10.79 -13.74 0.28
N MET A 245 9.83 -13.46 1.16
CA MET A 245 8.79 -14.44 1.47
C MET A 245 7.90 -14.72 0.27
N LYS A 246 7.58 -13.66 -0.49
CA LYS A 246 6.79 -13.81 -1.72
C LYS A 246 7.57 -14.68 -2.71
N GLU A 247 8.85 -14.38 -2.90
CA GLU A 247 9.67 -15.17 -3.81
C GLU A 247 9.71 -16.64 -3.39
N LYS A 248 9.82 -16.89 -2.09
CA LYS A 248 9.91 -18.25 -1.57
C LYS A 248 8.67 -19.08 -1.89
N TRP A 249 7.50 -18.46 -1.74
CA TRP A 249 6.25 -19.21 -1.83
C TRP A 249 5.63 -19.20 -3.21
N TRP A 250 6.04 -18.27 -4.07
CA TRP A 250 5.56 -18.23 -5.46
C TRP A 250 6.52 -18.87 -6.49
N ARG A 251 7.80 -18.99 -6.13
CA ARG A 251 8.81 -19.60 -7.02
C ARG A 251 8.31 -20.88 -7.66
N GLY A 252 8.45 -21.02 -8.98
CA GLY A 252 8.93 -19.93 -9.87
C GLY A 252 7.95 -19.63 -11.00
N ASN A 253 8.43 -19.67 -12.23
CA ASN A 253 7.59 -19.55 -13.42
C ASN A 253 7.61 -20.84 -14.25
N GLY A 254 6.44 -21.43 -14.46
CA GLY A 254 6.35 -22.76 -15.05
C GLY A 254 5.59 -22.89 -16.36
N CYS A 255 5.00 -21.81 -16.84
CA CYS A 255 4.19 -21.86 -18.06
C CYS A 255 4.60 -20.81 -19.09
N PRO A 256 4.44 -21.12 -20.39
CA PRO A 256 4.67 -20.12 -21.43
C PRO A 256 3.70 -18.95 -21.37
N ALA B 1 -19.14 24.31 17.58
CA ALA B 1 -18.64 23.61 16.37
C ALA B 1 -17.33 22.88 16.65
N ASN B 2 -17.07 21.82 15.90
CA ASN B 2 -15.82 21.08 16.03
C ASN B 2 -14.63 22.03 15.86
N ARG B 3 -13.59 21.86 16.67
CA ARG B 3 -12.40 22.71 16.61
C ARG B 3 -11.80 22.64 15.20
N THR B 4 -11.36 23.79 14.68
CA THR B 4 -10.70 23.82 13.38
C THR B 4 -9.37 23.09 13.48
N LEU B 5 -9.17 22.12 12.61
CA LEU B 5 -7.94 21.32 12.68
C LEU B 5 -6.77 22.05 12.03
N ILE B 6 -5.61 21.91 12.65
CA ILE B 6 -4.38 22.49 12.12
CA ILE B 6 -4.38 22.49 12.12
C ILE B 6 -3.68 21.43 11.30
N VAL B 7 -3.45 21.77 10.02
CA VAL B 7 -2.78 20.88 9.10
C VAL B 7 -1.37 21.41 8.86
N THR B 8 -0.37 20.58 9.17
CA THR B 8 1.00 20.89 8.77
C THR B 8 1.23 20.33 7.37
N THR B 9 1.92 21.11 6.54
CA THR B 9 2.24 20.67 5.18
C THR B 9 3.51 21.34 4.71
N ILE B 10 3.84 21.12 3.45
CA ILE B 10 5.11 21.58 2.90
C ILE B 10 4.88 21.85 1.42
N LEU B 11 5.57 22.83 0.87
CA LEU B 11 5.48 23.11 -0.57
C LEU B 11 6.16 21.98 -1.34
N GLU B 12 5.42 21.36 -2.24
CA GLU B 12 5.96 20.28 -3.07
C GLU B 12 5.02 20.08 -4.24
N GLU B 13 5.45 20.45 -5.44
CA GLU B 13 4.62 20.26 -6.64
C GLU B 13 4.44 18.77 -6.94
N PRO B 14 3.23 18.35 -7.40
CA PRO B 14 1.96 19.06 -7.54
C PRO B 14 1.04 18.83 -6.33
N TYR B 15 1.63 18.50 -5.19
CA TYR B 15 0.87 18.23 -3.97
C TYR B 15 0.34 19.49 -3.30
N VAL B 16 1.25 20.46 -3.11
CA VAL B 16 0.96 21.71 -2.40
C VAL B 16 1.77 22.78 -3.11
N MET B 17 1.06 23.73 -3.71
CA MET B 17 1.70 24.78 -4.49
C MET B 17 0.98 26.08 -4.25
N TYR B 18 1.68 27.20 -4.42
CA TYR B 18 1.03 28.49 -4.40
C TYR B 18 0.25 28.63 -5.70
N ARG B 19 -1.05 28.88 -5.61
CA ARG B 19 -1.83 29.09 -6.83
C ARG B 19 -1.53 30.45 -7.45
N LYS B 20 -1.59 30.48 -8.78
CA LYS B 20 -1.32 31.69 -9.55
C LYS B 20 -2.48 32.67 -9.45
N SER B 21 -2.15 33.94 -9.28
CA SER B 21 -3.13 35.02 -9.31
C SER B 21 -2.44 36.35 -9.55
N ASP B 22 -3.18 37.30 -10.12
CA ASP B 22 -2.66 38.66 -10.29
C ASP B 22 -3.01 39.54 -9.08
N LYS B 23 -3.34 38.89 -7.96
CA LYS B 23 -3.69 39.57 -6.72
C LYS B 23 -3.21 38.74 -5.51
N PRO B 24 -2.87 39.42 -4.39
CA PRO B 24 -2.46 38.69 -3.18
C PRO B 24 -3.55 37.76 -2.66
N LEU B 25 -3.17 36.55 -2.26
CA LEU B 25 -4.08 35.58 -1.66
C LEU B 25 -3.72 35.31 -0.20
N TYR B 26 -4.70 34.88 0.58
CA TYR B 26 -4.53 34.67 2.02
C TYR B 26 -5.17 33.36 2.49
N GLY B 27 -4.68 32.85 3.61
CA GLY B 27 -5.21 31.62 4.19
C GLY B 27 -5.07 30.42 3.28
N ASN B 28 -6.04 29.51 3.35
CA ASN B 28 -5.99 28.29 2.54
C ASN B 28 -6.02 28.55 1.04
N ASP B 29 -6.59 29.69 0.66
CA ASP B 29 -6.73 30.06 -0.74
C ASP B 29 -5.39 30.30 -1.43
N ARG B 30 -4.33 30.47 -0.64
CA ARG B 30 -2.99 30.58 -1.20
C ARG B 30 -2.58 29.32 -1.94
N PHE B 31 -3.15 28.18 -1.55
CA PHE B 31 -2.62 26.87 -1.96
C PHE B 31 -3.54 26.10 -2.90
N GLU B 32 -2.95 25.27 -3.73
CA GLU B 32 -3.69 24.31 -4.55
C GLU B 32 -2.82 23.07 -4.73
N GLY B 33 -3.41 21.99 -5.21
CA GLY B 33 -2.65 20.78 -5.47
C GLY B 33 -3.37 19.53 -5.01
N TYR B 34 -2.76 18.38 -5.28
CA TYR B 34 -3.32 17.07 -4.94
C TYR B 34 -3.67 16.98 -3.46
N CYS B 35 -2.77 17.45 -2.59
CA CYS B 35 -3.04 17.36 -1.16
C CYS B 35 -4.14 18.31 -0.69
N LEU B 36 -4.30 19.45 -1.36
CA LEU B 36 -5.41 20.34 -1.05
C LEU B 36 -6.71 19.68 -1.45
N ASP B 37 -6.75 19.03 -2.61
CA ASP B 37 -7.96 18.32 -3.01
C ASP B 37 -8.24 17.16 -2.05
N LEU B 38 -7.19 16.46 -1.65
CA LEU B 38 -7.33 15.37 -0.68
C LEU B 38 -7.97 15.91 0.60
N LEU B 39 -7.48 17.05 1.09
CA LEU B 39 -8.07 17.67 2.26
C LEU B 39 -9.56 18.05 2.09
N LYS B 40 -9.92 18.57 0.92
CA LYS B 40 -11.33 18.92 0.67
C LYS B 40 -12.21 17.67 0.78
N GLU B 41 -11.70 16.55 0.26
CA GLU B 41 -12.44 15.29 0.28
C GLU B 41 -12.49 14.70 1.68
N LEU B 42 -11.34 14.61 2.35
CA LEU B 42 -11.29 14.05 3.70
C LEU B 42 -12.15 14.83 4.66
N SER B 43 -12.06 16.17 4.61
CA SER B 43 -12.83 17.02 5.53
C SER B 43 -14.34 16.91 5.32
N ASN B 44 -14.77 16.71 4.06
CA ASN B 44 -16.18 16.46 3.78
C ASN B 44 -16.64 15.18 4.46
N ILE B 45 -15.81 14.15 4.39
CA ILE B 45 -16.18 12.83 4.92
C ILE B 45 -16.21 12.81 6.45
N LEU B 46 -15.31 13.58 7.07
CA LEU B 46 -15.10 13.56 8.52
CA LEU B 46 -15.14 13.53 8.52
C LEU B 46 -15.79 14.70 9.25
N GLY B 47 -16.19 15.73 8.52
CA GLY B 47 -16.96 16.82 9.11
C GLY B 47 -16.15 17.88 9.80
N PHE B 48 -15.06 18.32 9.19
CA PHE B 48 -14.25 19.40 9.79
C PHE B 48 -13.83 20.45 8.76
N ILE B 49 -13.47 21.63 9.27
CA ILE B 49 -12.69 22.58 8.49
C ILE B 49 -11.28 22.62 9.07
N TYR B 50 -10.38 23.28 8.37
CA TYR B 50 -8.96 23.16 8.70
C TYR B 50 -8.17 24.39 8.28
N ASP B 51 -7.02 24.57 8.93
CA ASP B 51 -6.10 25.67 8.65
CA ASP B 51 -6.12 25.67 8.66
C ASP B 51 -4.80 25.07 8.14
N VAL B 52 -4.45 25.40 6.91
CA VAL B 52 -3.21 24.89 6.30
C VAL B 52 -2.01 25.74 6.71
N LYS B 53 -1.03 25.12 7.36
CA LYS B 53 0.14 25.84 7.85
C LYS B 53 1.43 25.19 7.38
N LEU B 54 2.22 25.92 6.60
CA LEU B 54 3.50 25.40 6.13
C LEU B 54 4.45 25.16 7.30
N VAL B 55 5.12 24.01 7.27
CA VAL B 55 6.03 23.66 8.37
C VAL B 55 7.17 24.70 8.45
N PRO B 56 7.33 25.35 9.63
CA PRO B 56 8.32 26.43 9.70
C PRO B 56 9.72 26.10 9.19
N ASP B 57 10.26 24.92 9.50
CA ASP B 57 11.64 24.63 9.09
C ASP B 57 11.75 24.10 7.66
N GLY B 58 10.62 23.95 6.97
CA GLY B 58 10.62 23.48 5.58
C GLY B 58 11.10 22.05 5.38
N LYS B 59 11.00 21.21 6.42
CA LYS B 59 11.48 19.82 6.35
C LYS B 59 10.37 18.80 6.53
N TYR B 60 10.59 17.61 5.98
CA TYR B 60 9.66 16.49 6.16
C TYR B 60 9.81 15.88 7.54
N GLY B 61 11.04 15.48 7.88
CA GLY B 61 11.35 15.08 9.26
C GLY B 61 12.31 13.93 9.36
N ALA B 62 13.38 14.15 10.12
CA ALA B 62 14.33 13.11 10.45
C ALA B 62 14.78 13.30 11.89
N GLN B 63 15.32 12.22 12.46
CA GLN B 63 15.75 12.19 13.85
C GLN B 63 17.27 12.29 13.91
N ASN B 64 17.79 13.13 14.81
CA ASN B 64 19.23 13.18 15.05
C ASN B 64 19.69 12.07 16.00
N ASP B 65 20.99 12.08 16.34
CA ASP B 65 21.57 11.06 17.23
C ASP B 65 20.91 11.05 18.60
N LYS B 66 20.47 12.21 19.06
CA LYS B 66 19.79 12.34 20.35
C LYS B 66 18.34 11.91 20.29
N GLY B 67 17.88 11.50 19.10
CA GLY B 67 16.51 11.06 18.93
C GLY B 67 15.52 12.21 18.77
N GLU B 68 16.04 13.41 18.51
CA GLU B 68 15.22 14.61 18.34
C GLU B 68 14.80 14.73 16.89
N TRP B 69 13.49 14.89 16.67
CA TRP B 69 12.94 15.05 15.33
C TRP B 69 12.82 16.51 14.91
N ASN B 70 12.67 16.73 13.61
CA ASN B 70 12.38 18.04 13.04
C ASN B 70 11.23 17.94 12.03
N GLY B 71 10.98 19.02 11.29
CA GLY B 71 9.98 18.98 10.21
C GLY B 71 8.55 18.69 10.64
N MET B 72 7.77 18.18 9.70
CA MET B 72 6.37 17.88 9.97
C MET B 72 6.21 16.82 11.04
N VAL B 73 7.16 15.88 11.09
CA VAL B 73 7.09 14.83 12.10
C VAL B 73 7.15 15.44 13.51
N LYS B 74 8.08 16.37 13.73
CA LYS B 74 8.16 17.08 15.00
C LYS B 74 6.87 17.87 15.31
N GLU B 75 6.26 18.50 14.30
CA GLU B 75 5.00 19.22 14.53
C GLU B 75 3.92 18.30 15.09
N LEU B 76 3.88 17.07 14.61
CA LEU B 76 2.93 16.09 15.12
C LEU B 76 3.29 15.59 16.52
N ILE B 77 4.55 15.20 16.71
CA ILE B 77 5.00 14.72 18.03
C ILE B 77 4.69 15.76 19.13
N ASP B 78 4.92 17.02 18.80
CA ASP B 78 4.72 18.11 19.74
C ASP B 78 3.29 18.65 19.75
N HIS B 79 2.38 17.99 19.05
CA HIS B 79 0.98 18.42 19.02
C HIS B 79 0.82 19.89 18.62
N ARG B 80 1.62 20.32 17.64
CA ARG B 80 1.48 21.64 17.04
C ARG B 80 0.46 21.60 15.91
N ALA B 81 0.24 20.40 15.36
CA ALA B 81 -0.73 20.18 14.30
C ALA B 81 -1.54 18.94 14.60
N ASP B 82 -2.76 18.91 14.09
CA ASP B 82 -3.65 17.76 14.20
C ASP B 82 -3.35 16.70 13.13
N LEU B 83 -2.98 17.15 11.94
CA LEU B 83 -2.69 16.24 10.85
C LEU B 83 -1.58 16.80 9.98
N ALA B 84 -0.82 15.91 9.34
CA ALA B 84 0.15 16.28 8.31
C ALA B 84 -0.37 15.70 7.01
N VAL B 85 -0.69 16.59 6.07
CA VAL B 85 -1.19 16.19 4.75
C VAL B 85 -0.22 16.69 3.71
N ALA B 86 0.56 15.75 3.17
CA ALA B 86 1.71 16.04 2.33
C ALA B 86 2.11 14.72 1.71
N PRO B 87 3.06 14.73 0.75
CA PRO B 87 3.66 13.46 0.31
C PRO B 87 4.63 12.95 1.39
N LEU B 88 4.04 12.45 2.46
CA LEU B 88 4.74 12.07 3.68
C LEU B 88 4.87 10.55 3.71
N THR B 89 6.11 10.08 3.62
CA THR B 89 6.39 8.66 3.47
C THR B 89 6.21 7.90 4.78
N ILE B 90 5.47 6.80 4.67
CA ILE B 90 5.20 5.90 5.80
C ILE B 90 6.41 5.01 6.01
N THR B 91 7.10 5.20 7.13
CA THR B 91 8.32 4.45 7.43
C THR B 91 8.28 3.85 8.83
N TYR B 92 9.01 2.77 9.02
CA TYR B 92 9.17 2.14 10.32
C TYR B 92 9.58 3.14 11.41
N VAL B 93 10.63 3.92 11.16
CA VAL B 93 11.12 4.84 12.19
C VAL B 93 10.07 5.91 12.56
N ARG B 94 9.31 6.36 11.58
CA ARG B 94 8.31 7.36 11.84
C ARG B 94 7.07 6.77 12.50
N GLU B 95 6.71 5.55 12.10
CA GLU B 95 5.51 4.93 12.64
C GLU B 95 5.62 4.67 14.13
N LYS B 96 6.86 4.56 14.63
CA LYS B 96 7.08 4.40 16.06
C LYS B 96 6.77 5.68 16.86
N VAL B 97 6.75 6.82 16.20
CA VAL B 97 6.58 8.10 16.91
C VAL B 97 5.34 8.92 16.55
N ILE B 98 4.73 8.60 15.41
CA ILE B 98 3.44 9.20 15.02
C ILE B 98 2.49 8.10 14.55
N ASP B 99 1.22 8.43 14.35
CA ASP B 99 0.26 7.48 13.78
C ASP B 99 -0.04 7.85 12.34
N PHE B 100 0.35 7.01 11.40
CA PHE B 100 -0.02 7.23 10.00
C PHE B 100 -1.36 6.59 9.63
N SER B 101 -2.08 7.25 8.73
CA SER B 101 -3.21 6.62 8.04
C SER B 101 -2.70 5.52 7.12
N LYS B 102 -3.61 4.71 6.62
CA LYS B 102 -3.26 3.86 5.49
C LYS B 102 -2.85 4.67 4.26
N PRO B 103 -2.07 4.06 3.37
CA PRO B 103 -1.49 4.83 2.26
C PRO B 103 -2.52 5.30 1.22
N PHE B 104 -2.26 6.49 0.70
CA PHE B 104 -3.05 7.02 -0.41
C PHE B 104 -2.32 7.01 -1.76
N MET B 105 -1.05 6.61 -1.75
CA MET B 105 -0.25 6.53 -2.96
C MET B 105 0.94 5.64 -2.64
N THR B 106 1.43 4.94 -3.65
CA THR B 106 2.67 4.17 -3.49
C THR B 106 3.70 4.65 -4.49
N LEU B 107 4.96 4.42 -4.15
CA LEU B 107 6.10 4.94 -4.89
C LEU B 107 7.35 4.23 -4.42
N GLY B 108 8.48 4.53 -5.06
CA GLY B 108 9.78 4.02 -4.63
C GLY B 108 10.86 5.00 -5.01
N ILE B 109 11.99 4.92 -4.29
CA ILE B 109 13.14 5.77 -4.58
C ILE B 109 13.74 5.36 -5.91
N SER B 110 14.09 6.36 -6.72
CA SER B 110 14.87 6.12 -7.92
C SER B 110 15.82 7.33 -8.13
N ILE B 111 16.41 7.44 -9.30
CA ILE B 111 17.44 8.47 -9.57
C ILE B 111 16.96 9.42 -10.65
N LEU B 112 17.09 10.72 -10.40
CA LEU B 112 16.84 11.75 -11.40
C LEU B 112 18.17 12.32 -11.87
N TYR B 113 18.39 12.33 -13.19
CA TYR B 113 19.57 12.98 -13.76
C TYR B 113 19.25 13.58 -15.14
N ARG B 114 20.26 14.19 -15.75
CA ARG B 114 20.18 14.61 -17.14
C ARG B 114 20.42 13.43 -18.07
N LYS B 115 20.22 13.66 -19.35
CA LYS B 115 20.38 12.61 -20.35
C LYS B 115 21.83 12.47 -20.83
N GLY B 116 22.13 11.33 -21.45
CA GLY B 116 23.41 11.16 -22.12
C GLY B 116 24.55 10.44 -21.42
N THR B 117 24.34 9.98 -20.19
CA THR B 117 25.39 9.24 -19.49
C THR B 117 25.19 7.73 -19.61
N PRO B 118 26.26 6.94 -19.38
CA PRO B 118 26.08 5.50 -19.35
C PRO B 118 25.59 4.99 -18.00
N ILE B 119 25.33 5.89 -17.05
CA ILE B 119 24.85 5.46 -15.74
C ILE B 119 23.44 4.90 -15.89
N ASP B 120 23.27 3.66 -15.47
CA ASP B 120 22.01 2.93 -15.68
C ASP B 120 21.43 2.37 -14.38
N SER B 121 22.11 2.62 -13.26
CA SER B 121 21.70 2.09 -11.97
C SER B 121 22.39 2.78 -10.81
N ALA B 122 21.88 2.53 -9.60
CA ALA B 122 22.52 2.97 -8.38
C ALA B 122 23.94 2.40 -8.27
N ASP B 123 24.11 1.12 -8.63
CA ASP B 123 25.45 0.52 -8.64
C ASP B 123 26.41 1.34 -9.50
N ASP B 124 25.98 1.70 -10.70
CA ASP B 124 26.81 2.51 -11.60
C ASP B 124 27.10 3.87 -10.97
N LEU B 125 26.06 4.49 -10.41
CA LEU B 125 26.21 5.81 -9.81
C LEU B 125 27.20 5.82 -8.64
N ALA B 126 27.14 4.80 -7.80
CA ALA B 126 28.02 4.71 -6.64
C ALA B 126 29.45 4.45 -7.04
N LYS B 127 29.64 3.75 -8.15
CA LYS B 127 30.97 3.32 -8.58
C LYS B 127 31.75 4.45 -9.25
N GLN B 128 31.06 5.22 -10.09
CA GLN B 128 31.71 6.27 -10.85
C GLN B 128 32.10 7.46 -9.97
N THR B 129 32.99 8.30 -10.48
CA THR B 129 33.54 9.40 -9.72
C THR B 129 33.45 10.73 -10.47
N LYS B 130 32.60 10.75 -11.50
CA LYS B 130 32.43 11.94 -12.34
C LYS B 130 31.33 12.86 -11.81
N ILE B 131 30.19 12.29 -11.43
CA ILE B 131 29.08 13.11 -10.96
C ILE B 131 28.75 12.90 -9.47
N GLU B 132 28.37 14.00 -8.80
CA GLU B 132 27.97 14.01 -7.39
CA GLU B 132 27.99 13.91 -7.40
C GLU B 132 26.52 13.49 -7.31
N TYR B 133 26.07 13.13 -6.12
CA TYR B 133 24.67 12.71 -5.95
C TYR B 133 24.26 12.88 -4.50
N GLY B 134 22.96 12.85 -4.24
CA GLY B 134 22.47 13.01 -2.88
C GLY B 134 20.97 12.99 -2.84
N ALA B 135 20.41 13.64 -1.82
CA ALA B 135 18.99 13.57 -1.53
C ALA B 135 18.60 14.83 -0.77
N VAL B 136 17.31 15.05 -0.64
CA VAL B 136 16.82 16.14 0.18
C VAL B 136 17.16 15.89 1.64
N ARG B 137 17.73 16.89 2.29
CA ARG B 137 18.10 16.78 3.70
C ARG B 137 16.87 16.56 4.57
N ASP B 138 16.96 15.55 5.43
CA ASP B 138 15.98 15.30 6.49
C ASP B 138 14.63 14.81 6.02
N GLY B 139 14.64 14.12 4.89
CA GLY B 139 13.48 13.34 4.44
C GLY B 139 13.77 11.85 4.49
N SER B 140 12.78 11.08 4.05
CA SER B 140 12.84 9.63 4.11
C SER B 140 13.85 9.03 3.13
N THR B 141 14.14 9.73 2.03
CA THR B 141 15.13 9.21 1.10
C THR B 141 16.51 9.27 1.74
N MET B 142 16.83 10.40 2.37
CA MET B 142 18.10 10.51 3.11
C MET B 142 18.16 9.41 4.17
N THR B 143 17.06 9.23 4.90
CA THR B 143 17.04 8.24 5.97
C THR B 143 17.20 6.82 5.42
N PHE B 144 16.63 6.55 4.25
CA PHE B 144 16.81 5.24 3.62
C PHE B 144 18.30 4.93 3.48
N PHE B 145 19.05 5.90 2.98
CA PHE B 145 20.49 5.68 2.81
C PHE B 145 21.22 5.59 4.16
N LYS B 146 20.84 6.46 5.09
CA LYS B 146 21.49 6.51 6.41
C LYS B 146 21.36 5.16 7.14
N LYS B 147 20.24 4.50 6.92
CA LYS B 147 19.87 3.27 7.64
C LYS B 147 20.22 1.99 6.89
N SER B 148 20.59 2.10 5.62
CA SER B 148 20.78 0.90 4.80
C SER B 148 21.93 0.02 5.26
N LYS B 149 21.71 -1.29 5.13
CA LYS B 149 22.74 -2.30 5.38
C LYS B 149 23.15 -2.97 4.06
N ILE B 150 22.70 -2.40 2.95
CA ILE B 150 23.06 -2.89 1.62
C ILE B 150 24.32 -2.15 1.19
N SER B 151 25.36 -2.90 0.82
CA SER B 151 26.69 -2.32 0.59
C SER B 151 26.68 -1.11 -0.33
N THR B 152 26.07 -1.21 -1.51
CA THR B 152 26.03 -0.08 -2.46
C THR B 152 25.44 1.16 -1.79
N TYR B 153 24.38 0.96 -1.03
CA TYR B 153 23.67 2.09 -0.43
C TYR B 153 24.42 2.64 0.78
N GLU B 154 25.12 1.77 1.52
CA GLU B 154 26.01 2.20 2.60
C GLU B 154 27.12 3.10 2.04
N LYS B 155 27.67 2.72 0.89
CA LYS B 155 28.70 3.53 0.25
C LYS B 155 28.11 4.87 -0.14
N MET B 156 26.93 4.83 -0.75
CA MET B 156 26.26 6.07 -1.17
C MET B 156 25.99 6.99 0.00
N TRP B 157 25.55 6.44 1.14
CA TRP B 157 25.39 7.25 2.35
C TRP B 157 26.71 7.86 2.81
N ALA B 158 27.77 7.07 2.83
CA ALA B 158 29.07 7.59 3.23
C ALA B 158 29.47 8.75 2.33
N PHE B 159 29.22 8.61 1.03
CA PHE B 159 29.54 9.67 0.07
C PHE B 159 28.73 10.93 0.34
N MET B 160 27.42 10.77 0.49
CA MET B 160 26.54 11.93 0.75
C MET B 160 26.94 12.64 2.03
N SER B 161 27.22 11.86 3.07
CA SER B 161 27.61 12.41 4.37
CA SER B 161 27.57 12.43 4.36
C SER B 161 28.90 13.20 4.26
N SER B 162 29.86 12.65 3.53
CA SER B 162 31.17 13.27 3.37
C SER B 162 31.12 14.60 2.62
N ARG B 163 30.06 14.83 1.86
CA ARG B 163 29.90 16.04 1.05
C ARG B 163 28.56 16.69 1.41
N GLN B 164 28.13 16.53 2.66
CA GLN B 164 26.77 16.90 3.10
C GLN B 164 26.36 18.32 2.71
N GLN B 165 27.31 19.25 2.79
CA GLN B 165 27.02 20.67 2.54
C GLN B 165 26.37 20.89 1.17
N THR B 166 26.74 20.06 0.20
CA THR B 166 26.21 20.18 -1.16
C THR B 166 25.40 18.96 -1.58
N ALA B 167 25.76 17.79 -1.07
CA ALA B 167 25.06 16.57 -1.48
C ALA B 167 23.64 16.48 -0.93
N LEU B 168 23.46 16.96 0.28
CA LEU B 168 22.14 16.97 0.91
C LEU B 168 21.53 18.34 0.70
N VAL B 169 20.54 18.39 -0.18
CA VAL B 169 19.97 19.66 -0.62
C VAL B 169 18.79 20.08 0.26
N ARG B 170 18.51 21.38 0.30
CA ARG B 170 17.50 21.92 1.22
C ARG B 170 16.10 21.36 0.96
N ASN B 171 15.78 21.20 -0.32
CA ASN B 171 14.44 20.80 -0.74
C ASN B 171 14.52 20.34 -2.18
N SER B 172 13.41 19.80 -2.71
CA SER B 172 13.42 19.25 -4.07
C SER B 172 13.69 20.33 -5.13
N ASP B 173 13.22 21.54 -4.91
CA ASP B 173 13.49 22.61 -5.88
C ASP B 173 14.98 22.86 -6.06
N GLU B 174 15.70 22.99 -4.96
CA GLU B 174 17.15 23.16 -5.03
C GLU B 174 17.81 21.91 -5.62
N GLY B 175 17.28 20.74 -5.29
CA GLY B 175 17.80 19.48 -5.83
C GLY B 175 17.69 19.43 -7.35
N ILE B 176 16.53 19.78 -7.88
CA ILE B 176 16.32 19.76 -9.34
C ILE B 176 17.19 20.80 -10.03
N GLN B 177 17.30 21.99 -9.47
CA GLN B 177 18.14 22.99 -10.11
C GLN B 177 19.60 22.53 -10.12
N ARG B 178 20.00 21.82 -9.08
CA ARG B 178 21.36 21.29 -9.01
C ARG B 178 21.59 20.26 -10.12
N VAL B 179 20.60 19.40 -10.36
CA VAL B 179 20.66 18.41 -11.46
C VAL B 179 20.81 19.10 -12.82
N LEU B 180 20.04 20.17 -13.01
CA LEU B 180 20.01 20.87 -14.28
C LEU B 180 21.30 21.64 -14.56
N THR B 181 21.93 22.16 -13.49
CA THR B 181 23.02 23.13 -13.62
C THR B 181 24.41 22.64 -13.26
N THR B 182 24.50 21.50 -12.57
CA THR B 182 25.78 20.92 -12.16
C THR B 182 25.76 19.41 -12.41
N ASP B 183 26.91 18.76 -12.30
CA ASP B 183 26.98 17.30 -12.46
C ASP B 183 26.57 16.59 -11.17
N TYR B 184 25.25 16.50 -10.99
CA TYR B 184 24.64 16.01 -9.75
C TYR B 184 23.38 15.25 -10.09
N ALA B 185 23.25 14.05 -9.53
CA ALA B 185 22.01 13.26 -9.62
C ALA B 185 21.28 13.27 -8.29
N LEU B 186 19.96 13.36 -8.34
CA LEU B 186 19.12 13.42 -7.14
C LEU B 186 18.38 12.10 -6.91
N LEU B 187 18.56 11.53 -5.72
CA LEU B 187 17.76 10.39 -5.29
C LEU B 187 16.42 10.93 -4.85
N MET B 188 15.34 10.43 -5.46
CA MET B 188 14.02 10.93 -5.11
CA MET B 188 14.01 11.00 -5.23
C MET B 188 12.92 9.95 -5.50
N GLU B 189 11.73 10.23 -5.01
CA GLU B 189 10.61 9.31 -5.14
C GLU B 189 10.00 9.32 -6.54
N SER B 190 9.63 8.13 -6.99
CA SER B 190 9.30 7.87 -8.39
C SER B 190 8.12 8.68 -8.92
N THR B 191 7.11 8.91 -8.09
CA THR B 191 5.96 9.71 -8.50
C THR B 191 6.38 11.16 -8.79
N SER B 192 7.39 11.65 -8.07
CA SER B 192 7.93 12.99 -8.33
C SER B 192 8.81 13.00 -9.59
N ILE B 193 9.56 11.92 -9.81
CA ILE B 193 10.34 11.79 -11.06
C ILE B 193 9.40 11.77 -12.26
N GLU B 194 8.31 11.02 -12.13
CA GLU B 194 7.29 10.94 -13.20
C GLU B 194 6.76 12.34 -13.53
N TYR B 195 6.50 13.13 -12.50
CA TYR B 195 5.99 14.48 -12.67
C TYR B 195 6.98 15.38 -13.41
N VAL B 196 8.24 15.40 -12.95
CA VAL B 196 9.23 16.32 -13.52
C VAL B 196 9.64 15.94 -14.94
N THR B 197 9.80 14.64 -15.17
CA THR B 197 10.31 14.19 -16.48
C THR B 197 9.27 14.31 -17.58
N GLN B 198 8.00 14.53 -17.23
CA GLN B 198 7.00 14.79 -18.26
C GLN B 198 6.86 16.27 -18.55
N ARG B 199 7.62 17.08 -17.82
CA ARG B 199 7.57 18.55 -17.91
C ARG B 199 8.87 19.21 -18.33
N ASN B 200 9.99 18.56 -18.01
CA ASN B 200 11.29 19.04 -18.43
C ASN B 200 11.97 17.89 -19.15
N CYS B 201 12.07 18.03 -20.48
CA CYS B 201 12.56 16.92 -21.30
C CYS B 201 14.07 16.77 -21.27
N ASN B 202 14.77 17.61 -20.51
CA ASN B 202 16.20 17.41 -20.28
C ASN B 202 16.48 16.46 -19.13
N LEU B 203 15.43 16.08 -18.41
CA LEU B 203 15.56 15.22 -17.23
C LEU B 203 15.08 13.80 -17.51
N THR B 204 15.62 12.84 -16.76
CA THR B 204 15.27 11.44 -16.96
C THR B 204 15.45 10.64 -15.69
N GLN B 205 14.68 9.58 -15.56
CA GLN B 205 14.93 8.59 -14.53
C GLN B 205 16.11 7.70 -14.92
N ILE B 206 16.93 7.34 -13.93
CA ILE B 206 18.02 6.39 -14.13
C ILE B 206 17.73 5.13 -13.31
N GLY B 207 17.66 3.99 -14.00
CA GLY B 207 17.39 2.74 -13.32
C GLY B 207 15.94 2.59 -12.91
N GLY B 208 15.69 1.55 -12.12
CA GLY B 208 14.35 1.28 -11.63
C GLY B 208 14.13 1.78 -10.22
N LEU B 209 13.15 1.20 -9.55
CA LEU B 209 12.85 1.56 -8.17
C LEU B 209 13.70 0.72 -7.22
N ILE B 210 14.26 1.39 -6.22
CA ILE B 210 15.12 0.66 -5.29
CA ILE B 210 15.18 0.84 -5.21
C ILE B 210 14.41 0.24 -4.01
N ASP B 211 13.18 0.71 -3.82
CA ASP B 211 12.33 0.23 -2.74
C ASP B 211 10.87 0.47 -3.13
N SER B 212 9.96 0.13 -2.22
CA SER B 212 8.52 0.36 -2.44
C SER B 212 7.88 0.69 -1.11
N LYS B 213 7.08 1.75 -1.08
CA LYS B 213 6.45 2.22 0.15
C LYS B 213 5.30 3.16 -0.19
N GLY B 214 4.67 3.73 0.84
CA GLY B 214 3.48 4.54 0.61
C GLY B 214 3.55 5.90 1.28
N TYR B 215 2.69 6.80 0.80
CA TYR B 215 2.42 8.08 1.49
C TYR B 215 1.17 7.93 2.34
N GLY B 216 1.20 8.52 3.54
CA GLY B 216 0.02 8.51 4.40
C GLY B 216 -0.15 9.84 5.09
N VAL B 217 -1.35 10.08 5.59
CA VAL B 217 -1.61 11.24 6.42
C VAL B 217 -1.04 10.97 7.82
N GLY B 218 -0.24 11.91 8.35
CA GLY B 218 0.31 11.76 9.69
C GLY B 218 -0.59 12.39 10.75
N THR B 219 -0.66 11.74 11.92
CA THR B 219 -1.33 12.31 13.09
C THR B 219 -0.47 12.02 14.31
N PRO B 220 -0.66 12.79 15.40
CA PRO B 220 0.08 12.44 16.62
C PRO B 220 -0.37 11.08 17.14
N ILE B 221 0.55 10.36 17.81
CA ILE B 221 0.19 9.07 18.40
C ILE B 221 -1.04 9.23 19.28
N GLY B 222 -1.99 8.32 19.15
CA GLY B 222 -3.21 8.37 19.94
C GLY B 222 -4.27 9.30 19.39
N SER B 223 -4.02 9.91 18.25
CA SER B 223 -5.00 10.80 17.65
C SER B 223 -6.35 10.13 17.44
N PRO B 224 -7.45 10.81 17.82
CA PRO B 224 -8.81 10.32 17.60
C PRO B 224 -9.29 10.55 16.17
N TYR B 225 -8.40 11.03 15.31
CA TYR B 225 -8.71 11.21 13.89
C TYR B 225 -8.07 10.18 12.96
N ARG B 226 -6.97 9.54 13.38
CA ARG B 226 -6.25 8.65 12.47
C ARG B 226 -7.13 7.55 11.86
N ASP B 227 -7.86 6.84 12.71
CA ASP B 227 -8.72 5.75 12.20
C ASP B 227 -9.82 6.26 11.26
N LYS B 228 -10.42 7.41 11.59
CA LYS B 228 -11.40 8.03 10.69
C LYS B 228 -10.77 8.43 9.35
N ILE B 229 -9.54 8.96 9.37
CA ILE B 229 -8.83 9.33 8.15
C ILE B 229 -8.51 8.08 7.32
N THR B 230 -8.09 7.00 7.98
CA THR B 230 -7.86 5.75 7.28
C THR B 230 -9.12 5.26 6.58
N ILE B 231 -10.25 5.30 7.29
CA ILE B 231 -11.51 4.85 6.69
C ILE B 231 -11.86 5.72 5.47
N ALA B 232 -11.71 7.04 5.62
CA ALA B 232 -11.97 7.96 4.53
C ALA B 232 -11.03 7.74 3.32
N ILE B 233 -9.76 7.46 3.58
CA ILE B 233 -8.83 7.15 2.50
C ILE B 233 -9.25 5.88 1.74
N LEU B 234 -9.67 4.86 2.48
CA LEU B 234 -10.14 3.63 1.83
C LEU B 234 -11.38 3.89 0.98
N GLN B 235 -12.27 4.75 1.48
CA GLN B 235 -13.44 5.17 0.71
C GLN B 235 -13.01 5.82 -0.59
N LEU B 236 -12.09 6.79 -0.50
CA LEU B 236 -11.63 7.51 -1.69
C LEU B 236 -10.91 6.58 -2.68
N GLN B 237 -10.13 5.65 -2.14
CA GLN B 237 -9.44 4.62 -2.92
C GLN B 237 -10.45 3.80 -3.71
N GLU B 238 -11.41 3.23 -2.99
CA GLU B 238 -12.37 2.31 -3.58
C GLU B 238 -13.29 2.98 -4.60
N GLU B 239 -13.58 4.26 -4.38
CA GLU B 239 -14.48 5.02 -5.26
C GLU B 239 -13.74 5.56 -6.47
N GLY B 240 -12.42 5.33 -6.53
CA GLY B 240 -11.62 5.79 -7.67
C GLY B 240 -11.21 7.25 -7.61
N LYS B 241 -11.54 7.91 -6.51
CA LYS B 241 -11.24 9.34 -6.34
C LYS B 241 -9.73 9.63 -6.27
N LEU B 242 -8.98 8.79 -5.58
CA LEU B 242 -7.53 9.01 -5.49
C LEU B 242 -6.89 8.90 -6.87
N HIS B 243 -7.34 7.92 -7.66
CA HIS B 243 -6.87 7.73 -9.02
C HIS B 243 -7.18 8.96 -9.87
N MET B 244 -8.40 9.48 -9.75
CA MET B 244 -8.82 10.68 -10.47
C MET B 244 -7.97 11.90 -10.08
N MET B 245 -7.68 12.02 -8.80
CA MET B 245 -6.88 13.14 -8.32
C MET B 245 -5.46 13.08 -8.86
N LYS B 246 -4.90 11.87 -8.93
CA LYS B 246 -3.56 11.67 -9.52
C LYS B 246 -3.57 12.10 -10.98
N GLU B 247 -4.58 11.63 -11.73
CA GLU B 247 -4.70 11.99 -13.15
C GLU B 247 -4.83 13.51 -13.32
N LYS B 248 -5.59 14.16 -12.43
CA LYS B 248 -5.80 15.61 -12.51
C LYS B 248 -4.49 16.38 -12.37
N TRP B 249 -3.66 15.97 -11.42
CA TRP B 249 -2.50 16.76 -11.06
C TRP B 249 -1.22 16.40 -11.82
N TRP B 250 -1.19 15.21 -12.41
CA TRP B 250 -0.04 14.72 -13.22
C TRP B 250 -0.25 14.84 -14.73
N ARG B 251 -1.50 14.88 -15.18
CA ARG B 251 -1.81 15.03 -16.62
C ARG B 251 -1.01 16.18 -17.25
N GLY B 252 -0.34 15.95 -18.38
CA GLY B 252 -0.13 14.62 -19.01
C GLY B 252 1.27 14.49 -19.61
N ASN B 253 1.48 13.47 -20.45
CA ASN B 253 2.80 13.19 -21.03
C ASN B 253 3.32 14.22 -22.05
N GLY B 254 4.44 14.85 -21.73
CA GLY B 254 4.96 15.95 -22.52
C GLY B 254 6.32 15.74 -23.18
N CYS B 255 6.95 14.62 -22.90
CA CYS B 255 8.31 14.37 -23.41
C CYS B 255 8.44 13.00 -24.10
N PRO B 256 9.30 12.92 -25.14
CA PRO B 256 9.61 11.64 -25.77
C PRO B 256 10.24 10.63 -24.82
C1 GOL C . -3.82 -19.33 -5.14
O1 GOL C . -3.33 -18.28 -4.34
C2 GOL C . -5.13 -19.88 -4.57
O2 GOL C . -6.11 -18.85 -4.53
C3 GOL C . -5.64 -20.98 -5.48
O3 GOL C . -6.66 -21.74 -4.84
O3 GOL C . -4.78 -22.10 -5.42
C1 GOL D . -3.92 0.50 -3.12
O1 GOL D . -3.38 0.69 -4.41
C2 GOL D . -2.89 -0.16 -2.21
O2 GOL D . -1.68 0.59 -2.27
C3 GOL D . -3.43 -0.13 -0.78
O3 GOL D . -2.69 -0.99 0.08
C1 GOL E . -12.78 -4.81 -2.02
O1 GOL E . -11.49 -4.23 -2.16
C2 GOL E . -13.77 -3.69 -1.73
O2 GOL E . -13.94 -2.90 -2.90
C3 GOL E . -15.14 -4.18 -1.26
C3 GOL E . -15.10 -4.32 -1.30
O3 GOL E . -15.18 -4.29 0.14
O3 GOL E . -14.92 -5.66 -0.85
C1 GOL F . -14.02 -25.93 8.59
O1 GOL F . -13.83 -25.77 9.97
O1 GOL F . -15.33 -26.21 8.15
C2 GOL F . -13.45 -24.74 7.81
O2 GOL F . -13.48 -24.98 6.42
C3 GOL F . -12.01 -24.44 8.23
O3 GOL F . -11.69 -23.12 7.85
OAC 8EP G . -11.12 -13.00 -3.64
CAN 8EP G . -11.58 -13.18 -2.49
OAE 8EP G . -12.68 -12.70 -2.13
CAT 8EP G . -10.77 -14.01 -1.51
CB 8EP G . -10.86 -13.49 -0.08
CA 8EP G . -10.39 -12.04 0.08
N 8EP G . -8.93 -11.93 0.07
C 8EP G . -10.93 -11.51 1.38
OXT 8EP G . -12.16 -11.57 1.54
O 8EP G . -10.14 -11.01 2.22
OAL 8EP G . -9.42 -14.04 -1.95
CAS 8EP G . -8.94 -15.37 -2.01
CAQ 8EP G . -7.81 -15.40 -3.03
OAG 8EP G . -7.04 -16.58 -2.80
CAP 8EP G . -8.33 -15.44 -4.46
OAF 8EP G . -8.88 -14.17 -4.79
CAH 8EP G . -9.41 -16.51 -4.59
OAK 8EP G . -10.50 -16.15 -3.73
CAR 8EP G . -10.18 -16.20 -2.34
CAJ 8EP G . -11.27 -15.45 -1.60
S SO4 H . -8.47 -26.80 12.93
O1 SO4 H . -8.04 -27.11 11.58
O2 SO4 H . -8.02 -25.44 13.32
O3 SO4 H . -9.93 -26.82 12.95
O4 SO4 H . -7.91 -27.79 13.86
S SO4 I . -3.37 -9.30 26.85
O1 SO4 I . -4.24 -8.12 26.92
O2 SO4 I . -3.91 -10.35 27.70
O3 SO4 I . -3.30 -9.77 25.47
O4 SO4 I . -2.03 -8.95 27.30
C1 GOL J . 12.05 4.98 3.63
O1 GOL J . 11.00 4.27 3.02
C2 GOL J . 12.62 4.14 4.78
O2 GOL J . 13.30 3.02 4.23
C3 GOL J . 13.57 4.94 5.66
C3 GOL J . 13.61 4.98 5.58
O3 GOL J . 12.90 5.43 6.80
O3 GOL J . 13.41 6.38 5.42
C1 GOL K . 3.12 0.02 1.21
O1 GOL K . 2.17 1.08 1.20
C2 GOL K . 3.46 -0.45 -0.19
O2 GOL K . 2.43 -1.31 -0.66
C3 GOL K . 4.76 -1.24 -0.17
O3 GOL K . 4.97 -1.84 -1.43
C1 GOL L . 7.78 16.80 -8.16
O1 GOL L . 6.78 16.01 -7.55
C2 GOL L . 8.58 17.61 -7.13
O2 GOL L . 9.41 16.76 -6.36
C3 GOL L . 9.48 18.58 -7.87
C3 GOL L . 9.42 18.65 -7.87
O3 GOL L . 8.73 19.65 -8.42
O3 GOL L . 10.09 19.50 -6.96
C1 GOL M . -13.62 24.91 3.87
O1 GOL M . -13.43 26.03 3.03
C2 GOL M . -13.02 23.66 3.24
O2 GOL M . -11.64 23.81 2.96
C3 GOL M . -13.75 23.29 1.96
O3 GOL M . -13.28 22.04 1.50
C1 GOL N . 21.63 15.81 7.83
O1 GOL N . 21.72 17.18 8.18
C2 GOL N . 22.33 14.96 8.88
O2 GOL N . 21.59 15.02 10.09
C3 GOL N . 22.39 13.51 8.41
O3 GOL N . 23.43 12.85 9.10
C1 GOL O . 1.62 24.82 13.25
O1 GOL O . 1.00 25.98 12.74
C2 GOL O . 1.89 23.85 12.12
O2 GOL O . 2.28 22.62 12.69
C3 GOL O . 3.02 24.36 11.22
O3 GOL O . 3.18 23.50 10.10
OAC 8EP P . 12.47 12.02 -1.12
CAN 8EP P . 12.22 12.58 -0.02
OAE 8EP P . 12.85 12.31 1.04
CAT 8EP P . 11.09 13.58 0.04
CB 8EP P . 10.35 13.55 1.38
CA 8EP P . 9.70 12.21 1.73
N 8EP P . 8.47 12.00 0.94
C 8EP P . 9.40 12.21 3.20
OXT 8EP P . 10.34 12.47 3.97
O 8EP P . 8.25 11.94 3.60
OAL 8EP P . 10.19 13.31 -1.03
CAS 8EP P . 9.89 14.51 -1.73
CAQ 8EP P . 9.47 14.08 -3.13
OAG 8EP P . 8.68 15.11 -3.73
CAP 8EP P . 10.67 13.79 -4.01
OAF 8EP P . 11.26 12.55 -3.56
CAH 8EP P . 11.73 14.88 -3.91
OAK 8EP P . 12.14 14.96 -2.54
CAR 8EP P . 11.14 15.36 -1.60
CAJ 8EP P . 11.65 14.99 -0.23
S SO4 Q . 1.26 30.06 7.21
O1 SO4 Q . 1.64 31.30 6.53
O2 SO4 Q . 1.92 29.99 8.51
O3 SO4 Q . -0.19 30.06 7.40
O4 SO4 Q . 1.63 28.91 6.39
S SO4 R . -10.59 18.05 19.27
O1 SO4 R . -12.04 18.18 19.35
O2 SO4 R . -10.14 18.43 17.93
O3 SO4 R . -9.96 18.92 20.26
O4 SO4 R . -10.21 16.66 19.53
#